data_7NEC
#
_entry.id   7NEC
#
_cell.length_a   108.346
_cell.length_b   108.346
_cell.length_c   99.447
_cell.angle_alpha   90.000
_cell.angle_beta   90.000
_cell.angle_gamma   120.000
#
_symmetry.space_group_name_H-M   'P 61 2 2'
#
loop_
_entity.id
_entity.type
_entity.pdbx_description
1 polymer 'Nuclear receptor ROR-gamma'
2 non-polymer '4-[[3-[2-chloranyl-6-(trifluoromethyl)phenyl]-5-(1~{H}-pyrrol-2-yl)-1,2-oxazol-4-yl]methoxy]benzoic acid'
3 water water
#
_entity_poly.entity_id   1
_entity_poly.type   'polypeptide(L)'
_entity_poly.pdbx_seq_one_letter_code
;GSHMASLTEIEHLVQSVCKSYRETCQLRLEDLLRQRSNIFSREEVTGYQRKSMWEMWERCAHHLTEAIQYVVEFAKRLSG
FMELCQNDQIVLLKAGAMEVVLVRMCRAYNADNRTVFFEGKYGGMELFRALGCSELISSIFDFSHSLSALHFSEDEIALY
TALVLINAHRPGLQEKRKVEQLQYNLELAFHHHLHKTHRQSILAKLPPKGKLRSLCSQHVERLQIFQHLHPIVVQAAFPP
LYKELFS
;
_entity_poly.pdbx_strand_id   A
#
# COMPACT_ATOMS: atom_id res chain seq x y z
N SER A 6 -28.22 5.29 11.42
CA SER A 6 -27.84 3.87 11.45
C SER A 6 -26.42 3.68 12.02
N LEU A 7 -26.33 3.72 13.36
CA LEU A 7 -25.03 3.58 14.01
C LEU A 7 -24.41 2.21 13.73
N THR A 8 -25.25 1.17 13.64
CA THR A 8 -24.68 -0.16 13.42
C THR A 8 -24.27 -0.37 11.96
N GLU A 9 -24.91 0.33 11.01
CA GLU A 9 -24.41 0.29 9.65
C GLU A 9 -22.95 0.73 9.59
N ILE A 10 -22.62 1.85 10.25
CA ILE A 10 -21.25 2.32 10.26
C ILE A 10 -20.34 1.34 11.00
N GLU A 11 -20.81 0.82 12.14
CA GLU A 11 -20.03 -0.21 12.84
C GLU A 11 -19.86 -1.46 11.99
N HIS A 12 -20.87 -1.80 11.18
N HIS A 12 -20.89 -1.80 11.20
CA HIS A 12 -20.72 -2.93 10.27
CA HIS A 12 -20.75 -2.91 10.24
C HIS A 12 -19.69 -2.63 9.19
C HIS A 12 -19.65 -2.60 9.24
N LEU A 13 -19.66 -1.38 8.69
CA LEU A 13 -18.65 -1.01 7.70
C LEU A 13 -17.27 -1.15 8.29
N VAL A 14 -17.07 -0.69 9.53
CA VAL A 14 -15.76 -0.81 10.17
C VAL A 14 -15.36 -2.27 10.22
N GLN A 15 -16.26 -3.13 10.67
CA GLN A 15 -15.93 -4.54 10.79
C GLN A 15 -15.64 -5.15 9.41
N SER A 16 -16.38 -4.73 8.39
CA SER A 16 -16.17 -5.31 7.06
C SER A 16 -14.88 -4.84 6.40
N VAL A 17 -14.48 -3.59 6.63
CA VAL A 17 -13.20 -3.09 6.12
C VAL A 17 -12.05 -3.80 6.80
N CYS A 18 -12.14 -3.96 8.13
CA CYS A 18 -11.05 -4.58 8.88
C CYS A 18 -10.88 -6.04 8.49
N LYS A 19 -11.99 -6.74 8.27
CA LYS A 19 -11.94 -8.12 7.83
C LYS A 19 -11.31 -8.26 6.44
N SER A 20 -11.74 -7.42 5.50
N SER A 20 -11.73 -7.42 5.49
CA SER A 20 -11.12 -7.44 4.17
CA SER A 20 -11.12 -7.46 4.17
C SER A 20 -9.62 -7.20 4.27
C SER A 20 -9.62 -7.21 4.28
N TYR A 21 -9.23 -6.24 5.12
CA TYR A 21 -7.82 -5.97 5.34
C TYR A 21 -7.10 -7.18 5.94
N ARG A 22 -7.69 -7.77 6.98
CA ARG A 22 -7.07 -8.94 7.63
C ARG A 22 -6.83 -10.07 6.63
N GLU A 23 -7.80 -10.31 5.73
CA GLU A 23 -7.71 -11.38 4.76
C GLU A 23 -6.70 -11.10 3.63
N THR A 24 -6.24 -9.85 3.48
CA THR A 24 -5.41 -9.47 2.34
C THR A 24 -4.08 -8.82 2.75
N CYS A 25 -3.70 -8.86 4.03
CA CYS A 25 -2.56 -8.02 4.42
C CYS A 25 -1.21 -8.72 4.30
N GLN A 26 -1.18 -9.96 3.78
CA GLN A 26 0.03 -10.70 3.42
C GLN A 26 0.75 -11.26 4.64
N LEU A 27 1.22 -10.39 5.54
CA LEU A 27 1.89 -10.83 6.76
C LEU A 27 1.20 -10.26 7.98
N ARG A 28 1.15 -11.07 9.04
CA ARG A 28 0.56 -10.61 10.30
C ARG A 28 1.52 -9.65 11.00
N LEU A 29 0.96 -8.60 11.60
CA LEU A 29 1.80 -7.62 12.27
C LEU A 29 2.63 -8.26 13.36
N GLU A 30 2.05 -9.22 14.07
CA GLU A 30 2.77 -9.91 15.13
C GLU A 30 4.00 -10.62 14.57
N ASP A 31 3.87 -11.21 13.38
CA ASP A 31 5.03 -11.81 12.72
C ASP A 31 6.09 -10.78 12.39
N LEU A 32 5.70 -9.67 11.75
CA LEU A 32 6.68 -8.65 11.42
C LEU A 32 7.40 -8.16 12.66
N LEU A 33 6.66 -7.96 13.77
CA LEU A 33 7.30 -7.47 14.98
C LEU A 33 8.21 -8.52 15.61
N ARG A 34 7.76 -9.79 15.69
CA ARG A 34 8.65 -10.83 16.18
C ARG A 34 9.96 -10.87 15.40
N GLN A 35 9.89 -10.67 14.09
CA GLN A 35 11.08 -10.92 13.27
C GLN A 35 12.06 -9.78 13.30
N ARG A 36 11.77 -8.71 14.05
CA ARG A 36 12.62 -7.51 14.00
C ARG A 36 14.06 -7.81 14.40
N SER A 37 14.29 -8.83 15.21
CA SER A 37 15.66 -9.20 15.57
C SER A 37 16.32 -10.08 14.52
N ASN A 38 15.58 -10.49 13.50
CA ASN A 38 16.12 -11.35 12.44
C ASN A 38 16.60 -10.44 11.31
N ILE A 39 17.89 -10.17 11.28
CA ILE A 39 18.48 -9.12 10.45
C ILE A 39 19.53 -9.75 9.54
N PHE A 40 19.54 -9.36 8.26
CA PHE A 40 20.53 -9.87 7.33
C PHE A 40 21.95 -9.61 7.84
N SER A 41 22.78 -10.64 7.83
CA SER A 41 24.21 -10.46 8.09
C SER A 41 24.86 -9.59 7.02
N ARG A 42 26.05 -9.08 7.33
CA ARG A 42 26.82 -8.35 6.32
C ARG A 42 27.11 -9.23 5.12
N GLU A 43 27.34 -10.53 5.36
CA GLU A 43 27.56 -11.45 4.25
C GLU A 43 26.32 -11.56 3.37
N GLU A 44 25.14 -11.63 3.99
CA GLU A 44 23.91 -11.71 3.19
C GLU A 44 23.63 -10.41 2.45
N VAL A 45 23.89 -9.26 3.09
CA VAL A 45 23.73 -7.99 2.42
C VAL A 45 24.61 -7.93 1.16
N THR A 46 25.88 -8.32 1.30
CA THR A 46 26.79 -8.29 0.15
C THR A 46 26.28 -9.20 -0.96
N GLY A 47 25.70 -10.34 -0.59
CA GLY A 47 25.11 -11.22 -1.59
C GLY A 47 24.04 -10.52 -2.41
N TYR A 48 23.19 -9.74 -1.76
CA TYR A 48 22.17 -8.97 -2.47
C TYR A 48 22.80 -7.87 -3.33
N GLN A 49 23.82 -7.21 -2.78
CA GLN A 49 24.45 -6.13 -3.52
C GLN A 49 25.17 -6.63 -4.77
N ARG A 50 25.59 -7.88 -4.79
CA ARG A 50 26.30 -8.39 -5.97
C ARG A 50 25.36 -8.97 -7.03
N LYS A 51 24.10 -9.20 -6.68
CA LYS A 51 23.12 -9.62 -7.67
C LYS A 51 23.05 -8.62 -8.80
N SER A 52 22.70 -9.10 -9.98
CA SER A 52 22.46 -8.20 -11.09
C SER A 52 21.31 -7.25 -10.77
N MET A 53 21.40 -6.03 -11.30
CA MET A 53 20.29 -5.07 -11.25
C MET A 53 18.99 -5.69 -11.75
N TRP A 54 19.07 -6.52 -12.79
CA TRP A 54 17.88 -7.06 -13.40
C TRP A 54 17.32 -8.22 -12.61
N GLU A 55 18.15 -8.94 -11.85
CA GLU A 55 17.60 -9.95 -10.95
C GLU A 55 16.93 -9.31 -9.74
N MET A 56 17.55 -8.29 -9.15
CA MET A 56 16.86 -7.54 -8.11
C MET A 56 15.56 -6.96 -8.64
N TRP A 57 15.60 -6.37 -9.84
CA TRP A 57 14.37 -5.85 -10.44
C TRP A 57 13.32 -6.94 -10.54
N GLU A 58 13.70 -8.12 -11.05
CA GLU A 58 12.72 -9.20 -11.19
C GLU A 58 12.13 -9.57 -9.83
N ARG A 59 12.98 -9.69 -8.81
CA ARG A 59 12.48 -10.01 -7.47
C ARG A 59 11.53 -8.92 -6.99
N CYS A 60 11.97 -7.66 -7.06
CA CYS A 60 11.15 -6.60 -6.50
C CYS A 60 9.88 -6.40 -7.31
N ALA A 61 9.96 -6.50 -8.63
CA ALA A 61 8.75 -6.36 -9.44
C ALA A 61 7.73 -7.44 -9.09
N HIS A 62 8.18 -8.63 -8.74
CA HIS A 62 7.19 -9.66 -8.43
C HIS A 62 6.59 -9.47 -7.04
N HIS A 63 7.39 -9.04 -6.05
CA HIS A 63 6.81 -8.67 -4.77
C HIS A 63 5.81 -7.54 -4.91
N LEU A 64 6.12 -6.54 -5.74
CA LEU A 64 5.21 -5.42 -5.89
C LEU A 64 3.93 -5.82 -6.62
N THR A 65 4.05 -6.74 -7.59
CA THR A 65 2.87 -7.24 -8.28
C THR A 65 1.94 -7.97 -7.32
N GLU A 66 2.50 -8.89 -6.52
CA GLU A 66 1.72 -9.55 -5.50
C GLU A 66 1.10 -8.57 -4.53
N ALA A 67 1.86 -7.56 -4.10
CA ALA A 67 1.31 -6.59 -3.17
C ALA A 67 0.13 -5.86 -3.80
N ILE A 68 0.26 -5.48 -5.08
CA ILE A 68 -0.84 -4.82 -5.79
C ILE A 68 -2.07 -5.73 -5.84
N GLN A 69 -1.84 -7.03 -6.11
CA GLN A 69 -2.98 -7.93 -6.29
C GLN A 69 -3.74 -8.13 -4.98
N TYR A 70 -3.03 -8.15 -3.85
CA TYR A 70 -3.69 -8.17 -2.55
C TYR A 70 -4.49 -6.90 -2.31
N VAL A 71 -3.94 -5.74 -2.70
CA VAL A 71 -4.69 -4.49 -2.56
C VAL A 71 -5.94 -4.49 -3.44
N VAL A 72 -5.88 -5.12 -4.62
CA VAL A 72 -7.07 -5.19 -5.47
C VAL A 72 -8.13 -6.03 -4.79
N GLU A 73 -7.71 -7.18 -4.24
CA GLU A 73 -8.65 -8.04 -3.52
C GLU A 73 -9.24 -7.30 -2.33
N PHE A 74 -8.43 -6.48 -1.66
CA PHE A 74 -8.92 -5.67 -0.55
C PHE A 74 -10.05 -4.76 -1.03
N ALA A 75 -9.82 -4.06 -2.12
CA ALA A 75 -10.84 -3.17 -2.66
C ALA A 75 -12.09 -3.93 -3.06
N LYS A 76 -11.93 -5.11 -3.70
CA LYS A 76 -13.09 -5.85 -4.17
C LYS A 76 -13.97 -6.30 -3.01
N ARG A 77 -13.40 -6.47 -1.83
CA ARG A 77 -14.16 -6.84 -0.65
C ARG A 77 -14.68 -5.65 0.14
N LEU A 78 -14.47 -4.41 -0.34
CA LEU A 78 -15.03 -3.24 0.33
C LEU A 78 -16.49 -3.09 -0.06
N SER A 79 -17.36 -2.96 0.94
CA SER A 79 -18.79 -2.84 0.70
C SER A 79 -19.07 -1.79 -0.34
N GLY A 80 -19.74 -2.18 -1.41
CA GLY A 80 -20.11 -1.23 -2.43
C GLY A 80 -19.10 -1.04 -3.54
N PHE A 81 -17.85 -1.50 -3.39
CA PHE A 81 -16.88 -1.31 -4.46
C PHE A 81 -17.30 -2.04 -5.72
N MET A 82 -17.76 -3.29 -5.57
CA MET A 82 -18.12 -4.08 -6.75
C MET A 82 -19.36 -3.53 -7.44
N GLU A 83 -20.14 -2.69 -6.75
CA GLU A 83 -21.35 -2.11 -7.34
C GLU A 83 -21.05 -0.89 -8.17
N LEU A 84 -19.84 -0.34 -8.06
CA LEU A 84 -19.44 0.71 -8.96
C LEU A 84 -19.31 0.16 -10.37
N CYS A 85 -19.48 1.03 -11.35
CA CYS A 85 -19.25 0.62 -12.73
C CYS A 85 -17.79 0.23 -12.92
N GLN A 86 -17.54 -0.66 -13.87
CA GLN A 86 -16.19 -1.20 -14.00
C GLN A 86 -15.19 -0.10 -14.35
N ASN A 87 -15.61 0.87 -15.18
CA ASN A 87 -14.71 1.98 -15.48
C ASN A 87 -14.24 2.67 -14.20
N ASP A 88 -15.15 2.84 -13.23
CA ASP A 88 -14.79 3.55 -12.01
C ASP A 88 -13.90 2.71 -11.12
N GLN A 89 -14.20 1.41 -10.99
CA GLN A 89 -13.30 0.53 -10.23
C GLN A 89 -11.88 0.64 -10.74
N ILE A 90 -11.72 0.66 -12.07
CA ILE A 90 -10.38 0.71 -12.64
C ILE A 90 -9.75 2.08 -12.40
N VAL A 91 -10.53 3.15 -12.56
CA VAL A 91 -9.98 4.47 -12.31
C VAL A 91 -9.44 4.55 -10.88
N LEU A 92 -10.19 4.01 -9.93
CA LEU A 92 -9.75 4.09 -8.53
C LEU A 92 -8.53 3.21 -8.27
N LEU A 93 -8.51 1.99 -8.82
CA LEU A 93 -7.38 1.10 -8.55
C LEU A 93 -6.11 1.63 -9.20
N LYS A 94 -6.21 2.09 -10.45
CA LYS A 94 -5.02 2.63 -11.12
C LYS A 94 -4.46 3.80 -10.36
N ALA A 95 -5.32 4.68 -9.85
CA ALA A 95 -4.82 5.85 -9.15
C ALA A 95 -4.34 5.52 -7.74
N GLY A 96 -4.96 4.55 -7.05
CA GLY A 96 -4.63 4.42 -5.64
C GLY A 96 -4.03 3.12 -5.12
N ALA A 97 -4.04 2.06 -5.92
CA ALA A 97 -3.58 0.78 -5.38
C ALA A 97 -2.10 0.81 -5.03
N MET A 98 -1.28 1.48 -5.85
CA MET A 98 0.13 1.55 -5.49
C MET A 98 0.35 2.48 -4.31
N GLU A 99 -0.49 3.51 -4.16
CA GLU A 99 -0.38 4.35 -2.96
C GLU A 99 -0.66 3.52 -1.72
N VAL A 100 -1.60 2.59 -1.80
CA VAL A 100 -1.90 1.74 -0.64
C VAL A 100 -0.72 0.80 -0.35
N VAL A 101 -0.12 0.23 -1.39
CA VAL A 101 1.07 -0.61 -1.20
C VAL A 101 2.14 0.16 -0.44
N LEU A 102 2.37 1.41 -0.84
CA LEU A 102 3.37 2.21 -0.15
C LEU A 102 2.99 2.43 1.30
N VAL A 103 1.70 2.67 1.57
CA VAL A 103 1.29 2.90 2.95
C VAL A 103 1.49 1.63 3.76
N ARG A 104 1.06 0.49 3.20
CA ARG A 104 1.19 -0.80 3.87
C ARG A 104 2.62 -1.13 4.23
N MET A 105 3.61 -0.61 3.49
CA MET A 105 5.02 -0.93 3.77
C MET A 105 5.43 -0.54 5.17
N CYS A 106 4.83 0.52 5.73
CA CYS A 106 5.32 0.99 7.03
C CYS A 106 5.18 -0.07 8.11
N ARG A 107 4.23 -1.00 7.96
CA ARG A 107 4.12 -2.10 8.91
C ARG A 107 5.40 -2.90 8.99
N ALA A 108 6.07 -3.09 7.85
CA ALA A 108 7.30 -3.90 7.76
C ALA A 108 8.56 -3.07 7.93
N TYR A 109 8.44 -1.83 8.36
CA TYR A 109 9.58 -0.95 8.56
C TYR A 109 9.90 -0.84 10.04
N ASN A 110 11.17 -0.98 10.39
CA ASN A 110 11.65 -0.80 11.76
C ASN A 110 12.42 0.51 11.86
N ALA A 111 11.81 1.52 12.50
CA ALA A 111 12.44 2.83 12.62
C ALA A 111 13.62 2.85 13.57
N ASP A 112 13.72 1.87 14.48
CA ASP A 112 14.83 1.91 15.43
C ASP A 112 16.17 1.72 14.72
N ASN A 113 16.21 0.88 13.67
CA ASN A 113 17.44 0.68 12.92
C ASN A 113 17.31 0.99 11.43
N ARG A 114 16.16 1.52 10.98
CA ARG A 114 15.95 1.91 9.59
C ARG A 114 16.07 0.72 8.64
N THR A 115 15.33 -0.35 8.95
CA THR A 115 15.34 -1.55 8.12
C THR A 115 13.91 -1.94 7.75
N VAL A 116 13.79 -2.73 6.67
CA VAL A 116 12.52 -3.24 6.17
C VAL A 116 12.58 -4.76 6.11
N PHE A 117 11.43 -5.39 6.34
CA PHE A 117 11.32 -6.85 6.21
C PHE A 117 11.24 -7.19 4.72
N PHE A 118 12.32 -7.77 4.20
CA PHE A 118 12.42 -8.11 2.78
C PHE A 118 12.89 -9.56 2.66
N GLU A 119 12.08 -10.41 2.02
CA GLU A 119 12.45 -11.80 1.77
C GLU A 119 12.96 -12.50 3.04
N GLY A 120 12.17 -12.39 4.11
CA GLY A 120 12.37 -13.20 5.29
C GLY A 120 13.21 -12.58 6.40
N LYS A 121 13.95 -11.51 6.14
CA LYS A 121 14.70 -10.86 7.21
C LYS A 121 14.62 -9.35 6.99
N TYR A 122 15.10 -8.62 8.01
CA TYR A 122 15.17 -7.17 7.96
C TYR A 122 16.51 -6.71 7.40
N GLY A 123 16.48 -5.68 6.56
CA GLY A 123 17.71 -5.07 6.09
C GLY A 123 17.51 -3.61 5.75
N GLY A 124 18.64 -2.90 5.68
CA GLY A 124 18.65 -1.49 5.37
C GLY A 124 18.53 -1.23 3.88
N MET A 125 18.55 0.04 3.51
CA MET A 125 18.37 0.36 2.10
C MET A 125 19.58 -0.01 1.26
N GLU A 126 20.73 -0.26 1.89
CA GLU A 126 21.88 -0.73 1.13
C GLU A 126 21.67 -2.13 0.56
N LEU A 127 20.66 -2.86 1.03
CA LEU A 127 20.25 -4.11 0.40
C LEU A 127 19.94 -3.93 -1.07
N PHE A 128 19.44 -2.76 -1.46
CA PHE A 128 18.93 -2.57 -2.81
C PHE A 128 19.92 -1.84 -3.70
N ARG A 129 21.21 -1.82 -3.32
CA ARG A 129 22.20 -1.03 -4.07
C ARG A 129 22.22 -1.37 -5.56
N ALA A 130 22.05 -2.65 -5.91
CA ALA A 130 22.19 -3.04 -7.32
C ALA A 130 21.11 -2.46 -8.21
N LEU A 131 19.97 -2.03 -7.65
CA LEU A 131 18.93 -1.42 -8.48
C LEU A 131 19.35 -0.06 -9.01
N GLY A 132 20.35 0.58 -8.41
CA GLY A 132 20.76 1.89 -8.88
C GLY A 132 19.67 2.94 -8.84
N CYS A 133 18.78 2.87 -7.84
CA CYS A 133 17.72 3.85 -7.62
C CYS A 133 17.80 4.42 -6.22
N SER A 134 18.97 4.88 -5.78
CA SER A 134 19.13 5.18 -4.37
C SER A 134 18.22 6.32 -3.93
N GLU A 135 17.91 7.25 -4.85
CA GLU A 135 17.08 8.40 -4.50
C GLU A 135 15.64 7.96 -4.21
N LEU A 136 15.09 7.09 -5.06
CA LEU A 136 13.76 6.56 -4.86
C LEU A 136 13.70 5.68 -3.62
N ILE A 137 14.69 4.80 -3.45
CA ILE A 137 14.72 3.93 -2.27
C ILE A 137 14.76 4.76 -1.00
N SER A 138 15.57 5.82 -0.99
CA SER A 138 15.64 6.67 0.20
C SER A 138 14.31 7.37 0.46
N SER A 139 13.60 7.78 -0.59
CA SER A 139 12.29 8.41 -0.41
C SER A 139 11.28 7.42 0.16
N ILE A 140 11.33 6.16 -0.27
CA ILE A 140 10.41 5.17 0.26
C ILE A 140 10.70 4.91 1.73
N PHE A 141 11.99 4.74 2.08
CA PHE A 141 12.36 4.57 3.50
C PHE A 141 11.92 5.78 4.32
N ASP A 142 12.19 6.99 3.83
CA ASP A 142 11.82 8.20 4.58
C ASP A 142 10.31 8.28 4.77
N PHE A 143 9.54 7.98 3.73
CA PHE A 143 8.08 7.97 3.88
C PHE A 143 7.64 6.94 4.90
N SER A 144 8.22 5.74 4.83
CA SER A 144 7.89 4.72 5.83
C SER A 144 8.32 5.18 7.22
N HIS A 145 9.43 5.91 7.31
CA HIS A 145 9.88 6.42 8.59
C HIS A 145 8.86 7.40 9.18
N SER A 146 8.33 8.31 8.34
N SER A 146 8.30 8.28 8.33
CA SER A 146 7.31 9.23 8.80
CA SER A 146 7.32 9.24 8.83
C SER A 146 6.11 8.48 9.35
C SER A 146 6.04 8.55 9.30
N LEU A 147 5.58 7.53 8.58
CA LEU A 147 4.36 6.85 8.99
C LEU A 147 4.56 6.03 10.26
N SER A 148 5.74 5.42 10.41
CA SER A 148 5.97 4.56 11.58
C SER A 148 5.86 5.35 12.86
N ALA A 149 6.18 6.64 12.81
CA ALA A 149 6.04 7.51 13.98
C ALA A 149 4.60 7.54 14.49
N LEU A 150 3.62 7.37 13.60
CA LEU A 150 2.22 7.39 14.03
C LEU A 150 1.85 6.15 14.80
N HIS A 151 2.66 5.09 14.70
CA HIS A 151 2.34 3.79 15.30
C HIS A 151 0.91 3.39 14.94
N PHE A 152 0.63 3.46 13.65
CA PHE A 152 -0.63 3.00 13.08
C PHE A 152 -1.07 1.68 13.70
N SER A 153 -2.32 1.65 14.14
CA SER A 153 -2.91 0.36 14.45
C SER A 153 -3.38 -0.31 13.16
N GLU A 154 -3.63 -1.61 13.26
CA GLU A 154 -4.10 -2.35 12.10
C GLU A 154 -5.41 -1.79 11.56
N ASP A 155 -6.33 -1.38 12.44
CA ASP A 155 -7.63 -0.89 11.95
C ASP A 155 -7.50 0.51 11.33
N GLU A 156 -6.62 1.35 11.88
CA GLU A 156 -6.31 2.65 11.28
C GLU A 156 -5.76 2.48 9.86
N ILE A 157 -4.79 1.58 9.68
CA ILE A 157 -4.27 1.35 8.33
C ILE A 157 -5.38 0.86 7.41
N ALA A 158 -6.21 -0.09 7.88
CA ALA A 158 -7.32 -0.58 7.07
C ALA A 158 -8.24 0.56 6.66
N LEU A 159 -8.65 1.37 7.62
CA LEU A 159 -9.63 2.40 7.31
C LEU A 159 -9.00 3.52 6.50
N TYR A 160 -7.77 3.90 6.84
CA TYR A 160 -7.07 4.92 6.06
C TYR A 160 -6.82 4.45 4.62
N THR A 161 -6.34 3.21 4.43
CA THR A 161 -6.08 2.77 3.06
C THR A 161 -7.37 2.58 2.25
N ALA A 162 -8.47 2.20 2.90
CA ALA A 162 -9.74 2.20 2.17
C ALA A 162 -10.04 3.58 1.60
N LEU A 163 -9.73 4.64 2.36
CA LEU A 163 -9.99 6.01 1.91
C LEU A 163 -8.98 6.44 0.85
N VAL A 164 -7.74 5.95 0.93
CA VAL A 164 -6.79 6.22 -0.15
C VAL A 164 -7.40 5.78 -1.47
N LEU A 165 -8.07 4.63 -1.46
CA LEU A 165 -8.65 4.11 -2.70
C LEU A 165 -9.96 4.81 -3.04
N ILE A 166 -10.86 5.00 -2.08
CA ILE A 166 -12.23 5.44 -2.40
C ILE A 166 -12.21 6.97 -2.32
N ASN A 167 -11.77 7.57 -3.41
CA ASN A 167 -11.55 9.02 -3.49
C ASN A 167 -12.32 9.52 -4.70
N ALA A 168 -13.40 10.26 -4.47
CA ALA A 168 -14.25 10.66 -5.58
C ALA A 168 -13.66 11.81 -6.38
N HIS A 169 -12.48 12.30 -6.02
CA HIS A 169 -11.82 13.35 -6.79
C HIS A 169 -10.93 12.82 -7.90
N ARG A 170 -10.76 11.50 -8.03
CA ARG A 170 -9.92 10.96 -9.10
C ARG A 170 -10.49 11.37 -10.46
N PRO A 171 -9.68 11.96 -11.33
CA PRO A 171 -10.16 12.31 -12.67
C PRO A 171 -10.66 11.09 -13.44
N GLY A 172 -11.74 11.30 -14.19
CA GLY A 172 -12.23 10.28 -15.10
C GLY A 172 -13.32 9.41 -14.55
N LEU A 173 -13.87 9.73 -13.38
CA LEU A 173 -14.95 8.92 -12.83
C LEU A 173 -16.26 9.20 -13.57
N GLN A 174 -16.99 8.14 -13.90
CA GLN A 174 -18.26 8.25 -14.61
C GLN A 174 -19.45 8.38 -13.67
N GLU A 175 -19.40 7.77 -12.48
CA GLU A 175 -20.49 7.86 -11.50
C GLU A 175 -19.96 8.51 -10.24
N LYS A 176 -19.59 9.79 -10.33
CA LYS A 176 -18.93 10.44 -9.22
C LYS A 176 -19.80 10.43 -7.96
N ARG A 177 -21.10 10.69 -8.09
CA ARG A 177 -21.99 10.67 -6.93
C ARG A 177 -21.94 9.32 -6.22
N LYS A 178 -21.80 8.23 -6.99
CA LYS A 178 -21.80 6.90 -6.38
C LYS A 178 -20.53 6.66 -5.57
N VAL A 179 -19.39 7.11 -6.09
CA VAL A 179 -18.14 7.03 -5.32
C VAL A 179 -18.20 7.95 -4.10
N GLU A 180 -18.81 9.13 -4.25
CA GLU A 180 -18.95 10.03 -3.10
C GLU A 180 -19.69 9.35 -1.94
N GLN A 181 -20.76 8.61 -2.24
CA GLN A 181 -21.53 7.96 -1.18
C GLN A 181 -20.66 6.99 -0.39
N LEU A 182 -19.92 6.13 -1.10
N LEU A 182 -19.91 6.15 -1.09
CA LEU A 182 -19.00 5.21 -0.44
CA LEU A 182 -19.02 5.21 -0.40
C LEU A 182 -17.97 5.98 0.37
C LEU A 182 -17.93 5.96 0.36
N GLN A 183 -17.40 7.03 -0.22
CA GLN A 183 -16.38 7.81 0.47
C GLN A 183 -16.90 8.42 1.77
N TYR A 184 -18.11 9.01 1.74
CA TYR A 184 -18.67 9.60 2.95
C TYR A 184 -18.83 8.56 4.05
N ASN A 185 -19.32 7.37 3.71
CA ASN A 185 -19.51 6.36 4.75
C ASN A 185 -18.20 5.88 5.32
N LEU A 186 -17.16 5.76 4.48
CA LEU A 186 -15.86 5.31 5.00
C LEU A 186 -15.21 6.41 5.84
N GLU A 187 -15.37 7.68 5.45
CA GLU A 187 -14.83 8.77 6.27
C GLU A 187 -15.49 8.77 7.64
N LEU A 188 -16.81 8.62 7.67
CA LEU A 188 -17.51 8.54 8.94
C LEU A 188 -17.05 7.34 9.75
N ALA A 189 -16.95 6.17 9.09
CA ALA A 189 -16.39 4.98 9.74
C ALA A 189 -15.05 5.27 10.37
N PHE A 190 -14.15 5.92 9.62
CA PHE A 190 -12.80 6.19 10.11
C PHE A 190 -12.84 7.15 11.30
N HIS A 191 -13.62 8.22 11.18
CA HIS A 191 -13.60 9.26 12.22
C HIS A 191 -14.31 8.77 13.47
N HIS A 192 -15.39 8.01 13.30
CA HIS A 192 -16.03 7.34 14.43
C HIS A 192 -15.03 6.44 15.15
N HIS A 193 -14.27 5.65 14.39
CA HIS A 193 -13.35 4.72 15.03
C HIS A 193 -12.24 5.46 15.77
N LEU A 194 -11.68 6.50 15.17
CA LEU A 194 -10.65 7.29 15.85
C LEU A 194 -11.19 7.90 17.14
N HIS A 195 -12.44 8.36 17.12
CA HIS A 195 -13.04 8.95 18.32
C HIS A 195 -13.19 7.91 19.42
N LYS A 196 -13.73 6.74 19.08
CA LYS A 196 -13.89 5.64 20.03
C LYS A 196 -12.57 5.21 20.67
N THR A 197 -11.45 5.33 19.95
CA THR A 197 -10.16 4.86 20.46
C THR A 197 -9.28 5.97 20.95
N HIS A 198 -9.78 7.21 21.00
CA HIS A 198 -9.01 8.35 21.46
C HIS A 198 -7.75 8.55 20.63
N ARG A 199 -7.89 8.37 19.32
CA ARG A 199 -6.77 8.51 18.40
C ARG A 199 -7.00 9.61 17.35
N GLN A 200 -7.92 10.56 17.60
CA GLN A 200 -8.12 11.61 16.61
C GLN A 200 -6.87 12.46 16.37
N SER A 201 -5.89 12.40 17.27
CA SER A 201 -4.66 13.17 17.10
C SER A 201 -3.83 12.72 15.89
N ILE A 202 -4.03 11.51 15.36
CA ILE A 202 -3.29 11.16 14.15
C ILE A 202 -3.81 11.94 12.94
N LEU A 203 -5.03 12.48 12.98
CA LEU A 203 -5.60 13.10 11.79
C LEU A 203 -4.73 14.25 11.29
N ALA A 204 -4.17 15.04 12.21
CA ALA A 204 -3.28 16.13 11.81
C ALA A 204 -1.88 15.66 11.46
N LYS A 205 -1.56 14.39 11.72
CA LYS A 205 -0.23 13.84 11.47
C LYS A 205 -0.15 13.01 10.20
N LEU A 206 -1.27 12.71 9.56
CA LEU A 206 -1.26 11.90 8.35
C LEU A 206 -0.51 12.63 7.22
N PRO A 207 -0.04 11.90 6.21
CA PRO A 207 0.69 12.53 5.11
C PRO A 207 -0.17 13.55 4.37
N PRO A 208 0.38 14.70 4.01
CA PRO A 208 -0.30 15.56 3.04
C PRO A 208 -0.54 14.77 1.76
N LYS A 209 -1.72 14.97 1.16
CA LYS A 209 -2.13 14.12 0.04
C LYS A 209 -1.14 14.18 -1.12
N GLY A 210 -0.53 15.35 -1.36
CA GLY A 210 0.43 15.46 -2.44
C GLY A 210 1.72 14.71 -2.20
N LYS A 211 2.09 14.49 -0.92
CA LYS A 211 3.26 13.67 -0.62
C LYS A 211 3.08 12.25 -1.12
N LEU A 212 1.96 11.62 -0.76
CA LEU A 212 1.72 10.25 -1.20
C LEU A 212 1.60 10.18 -2.72
N ARG A 213 0.91 11.16 -3.32
CA ARG A 213 0.73 11.16 -4.76
C ARG A 213 2.06 11.30 -5.49
N SER A 214 2.95 12.17 -5.01
CA SER A 214 4.21 12.39 -5.72
C SER A 214 5.16 11.21 -5.53
N LEU A 215 5.22 10.65 -4.33
CA LEU A 215 6.06 9.48 -4.13
C LEU A 215 5.60 8.33 -5.03
N CYS A 216 4.29 8.09 -5.10
CA CYS A 216 3.82 6.98 -5.91
C CYS A 216 4.05 7.23 -7.40
N SER A 217 3.96 8.49 -7.85
CA SER A 217 4.16 8.74 -9.27
C SER A 217 5.64 8.63 -9.64
N GLN A 218 6.55 9.01 -8.73
CA GLN A 218 7.97 8.75 -8.97
C GLN A 218 8.27 7.25 -8.93
N HIS A 219 7.62 6.53 -8.01
CA HIS A 219 7.80 5.08 -7.88
C HIS A 219 7.30 4.35 -9.12
N VAL A 220 6.07 4.65 -9.56
CA VAL A 220 5.51 3.94 -10.69
C VAL A 220 6.25 4.28 -11.97
N GLU A 221 6.72 5.52 -12.10
CA GLU A 221 7.47 5.88 -13.29
C GLU A 221 8.76 5.07 -13.39
N ARG A 222 9.44 4.86 -12.25
CA ARG A 222 10.62 4.01 -12.25
C ARG A 222 10.31 2.57 -12.62
N LEU A 223 9.19 2.02 -12.10
CA LEU A 223 8.81 0.66 -12.47
C LEU A 223 8.50 0.56 -13.97
N GLN A 224 7.87 1.59 -14.53
CA GLN A 224 7.58 1.55 -15.96
C GLN A 224 8.87 1.57 -16.78
N ILE A 225 9.89 2.30 -16.31
CA ILE A 225 11.17 2.29 -17.02
C ILE A 225 11.81 0.91 -16.96
N PHE A 226 11.90 0.33 -15.75
CA PHE A 226 12.42 -1.03 -15.64
C PHE A 226 11.61 -1.99 -16.50
N GLN A 227 10.28 -1.86 -16.49
CA GLN A 227 9.46 -2.82 -17.21
C GLN A 227 9.66 -2.70 -18.71
N HIS A 228 9.90 -1.49 -19.20
CA HIS A 228 10.17 -1.31 -20.62
C HIS A 228 11.52 -1.92 -20.99
N LEU A 229 12.54 -1.74 -20.14
CA LEU A 229 13.88 -2.26 -20.41
C LEU A 229 13.95 -3.76 -20.24
N HIS A 230 13.25 -4.30 -19.24
CA HIS A 230 13.40 -5.71 -18.86
C HIS A 230 12.07 -6.21 -18.34
N PRO A 231 11.11 -6.47 -19.22
CA PRO A 231 9.74 -6.80 -18.78
C PRO A 231 9.70 -8.11 -18.02
N ILE A 232 9.01 -8.08 -16.87
CA ILE A 232 8.65 -9.29 -16.16
C ILE A 232 7.30 -9.79 -16.69
N VAL A 233 7.05 -11.08 -16.48
CA VAL A 233 5.80 -11.72 -16.83
C VAL A 233 4.90 -11.74 -15.62
N VAL A 234 3.69 -11.23 -15.77
CA VAL A 234 2.76 -11.07 -14.66
C VAL A 234 1.70 -12.14 -14.75
N GLN A 235 1.38 -12.75 -13.61
CA GLN A 235 0.21 -13.62 -13.47
C GLN A 235 -1.01 -12.71 -13.31
N ALA A 236 -1.65 -12.38 -14.44
CA ALA A 236 -2.66 -11.33 -14.49
C ALA A 236 -3.96 -11.85 -13.90
N ALA A 237 -4.35 -11.34 -12.75
CA ALA A 237 -5.61 -11.78 -12.16
C ALA A 237 -6.76 -10.84 -12.48
N PHE A 238 -6.49 -9.63 -12.99
CA PHE A 238 -7.51 -8.60 -13.20
C PHE A 238 -7.36 -7.97 -14.58
N PRO A 239 -7.85 -8.65 -15.61
CA PRO A 239 -7.57 -8.25 -17.00
C PRO A 239 -7.84 -6.77 -17.26
N PRO A 240 -8.99 -6.21 -16.87
CA PRO A 240 -9.21 -4.78 -17.17
C PRO A 240 -8.17 -3.89 -16.53
N LEU A 241 -7.62 -4.29 -15.38
CA LEU A 241 -6.61 -3.49 -14.71
C LEU A 241 -5.23 -3.69 -15.35
N TYR A 242 -4.85 -4.96 -15.55
CA TYR A 242 -3.59 -5.27 -16.22
C TYR A 242 -3.49 -4.50 -17.53
N LYS A 243 -4.59 -4.42 -18.28
CA LYS A 243 -4.57 -3.78 -19.58
C LYS A 243 -4.22 -2.31 -19.48
N GLU A 244 -4.59 -1.65 -18.38
CA GLU A 244 -4.28 -0.24 -18.21
C GLU A 244 -2.84 0.00 -17.80
N LEU A 245 -2.16 -1.00 -17.23
CA LEU A 245 -0.82 -0.78 -16.72
C LEU A 245 0.27 -1.32 -17.64
N PHE A 246 -0.05 -2.25 -18.53
CA PHE A 246 0.93 -2.98 -19.31
C PHE A 246 0.60 -2.83 -20.80
N SER A 247 1.63 -2.77 -21.62
CA SER A 247 1.38 -2.41 -23.02
C SER A 247 2.38 -3.04 -23.98
#